data_2J1O
#
_entry.id   2J1O
#
_cell.length_a   71.810
_cell.length_b   71.810
_cell.length_c   127.850
_cell.angle_alpha   90.00
_cell.angle_beta   90.00
_cell.angle_gamma   120.00
#
_symmetry.space_group_name_H-M   'P 31 2 1'
#
loop_
_entity.id
_entity.type
_entity.pdbx_description
1 polymer 'GERANYLGERANYL PYROPHOSPHATE SYNTHETASE'
2 non-polymer GLYCEROL
3 water water
#
_entity_poly.entity_id   1
_entity_poly.type   'polypeptide(L)'
_entity_poly.pdbx_seq_one_letter_code
;MMRGSHHHHHTDPISYIIRKADSVNKALDSAVPLREPLKIHEAMRYSLLAGGKRVRPVLCIAACELVGGEESLAMPAACA
VEMIHTMSLIHDDVYGEDVAVLAGDALLSFAFEHLASATSSEVSPARVVRAVGELAKAIGTEGLVAGQVVDISNVGLEHL
KFIHLHKTAALLEASAVLGGIIGGGSDEEIERLRKFARCIGLLFQVVDDILDVTIADKLTYPKLMGLEKSREFAEKLNTE
ARDQLLGFDSDKVAPLLALANYIANRQN
;
_entity_poly.pdbx_strand_id   A
#
# COMPACT_ATOMS: atom_id res chain seq x y z
N PRO A 13 -11.54 -10.80 11.55
CA PRO A 13 -11.09 -9.42 11.56
C PRO A 13 -9.57 -9.29 11.83
N ILE A 14 -9.13 -9.47 13.08
CA ILE A 14 -7.72 -9.23 13.43
C ILE A 14 -6.89 -10.46 13.00
N SER A 15 -7.32 -11.62 13.46
CA SER A 15 -6.83 -12.92 13.00
C SER A 15 -6.67 -12.90 11.46
N TYR A 16 -7.78 -12.61 10.78
CA TYR A 16 -7.83 -12.40 9.34
C TYR A 16 -6.55 -11.82 8.73
N ILE A 17 -6.10 -10.69 9.24
CA ILE A 17 -5.05 -9.93 8.58
C ILE A 17 -3.71 -10.59 8.79
N ILE A 18 -3.52 -11.17 9.97
CA ILE A 18 -2.33 -11.98 10.23
C ILE A 18 -2.31 -13.22 9.34
N ARG A 19 -3.48 -13.86 9.21
CA ARG A 19 -3.60 -15.02 8.35
C ARG A 19 -3.28 -14.57 6.91
N LYS A 20 -3.82 -13.41 6.53
CA LYS A 20 -3.54 -12.87 5.21
C LYS A 20 -2.05 -12.57 4.97
N ALA A 21 -1.40 -11.97 5.94
CA ALA A 21 0.01 -11.66 5.79
C ALA A 21 0.81 -12.94 5.58
N ASP A 22 0.46 -14.00 6.30
CA ASP A 22 1.13 -15.29 6.10
C ASP A 22 1.00 -15.84 4.67
N SER A 23 -0.21 -15.76 4.11
CA SER A 23 -0.43 -16.17 2.73
C SER A 23 0.42 -15.34 1.76
N VAL A 24 0.46 -14.04 2.01
CA VAL A 24 1.26 -13.14 1.22
C VAL A 24 2.77 -13.51 1.29
N ASN A 25 3.27 -13.76 2.49
CA ASN A 25 4.66 -14.21 2.66
C ASN A 25 4.99 -15.45 1.83
N LYS A 26 4.10 -16.44 1.83
CA LYS A 26 4.31 -17.67 1.07
C LYS A 26 4.30 -17.39 -0.45
N ALA A 27 3.38 -16.54 -0.90
CA ALA A 27 3.25 -16.14 -2.30
C ALA A 27 4.46 -15.35 -2.81
N LEU A 28 4.98 -14.44 -1.98
CA LEU A 28 6.18 -13.67 -2.34
C LEU A 28 7.35 -14.61 -2.56
N ASP A 29 7.55 -15.58 -1.65
CA ASP A 29 8.65 -16.57 -1.74
C ASP A 29 8.56 -17.35 -3.08
N SER A 30 7.36 -17.83 -3.42
CA SER A 30 7.12 -18.53 -4.68
C SER A 30 7.16 -17.64 -5.92
N ALA A 31 6.76 -16.38 -5.78
CA ALA A 31 6.73 -15.48 -6.93
C ALA A 31 8.15 -15.06 -7.35
N VAL A 32 9.05 -14.99 -6.39
CA VAL A 32 10.43 -14.53 -6.63
C VAL A 32 11.39 -15.61 -6.18
N PRO A 33 11.45 -16.71 -6.92
CA PRO A 33 12.36 -17.79 -6.61
C PRO A 33 13.80 -17.38 -6.92
N LEU A 34 14.75 -18.12 -6.38
CA LEU A 34 16.12 -17.92 -6.80
C LEU A 34 16.33 -18.48 -8.19
N ARG A 35 16.80 -17.66 -9.10
CA ARG A 35 17.16 -18.11 -10.45
C ARG A 35 18.22 -17.16 -10.96
N GLU A 36 18.83 -17.46 -12.10
CA GLU A 36 19.85 -16.55 -12.64
C GLU A 36 19.23 -15.27 -13.15
N PRO A 37 19.92 -14.13 -12.93
CA PRO A 37 21.15 -13.90 -12.17
C PRO A 37 20.88 -14.10 -10.68
N LEU A 38 21.68 -14.98 -10.09
CA LEU A 38 21.40 -15.47 -8.76
C LEU A 38 21.62 -14.41 -7.71
N LYS A 39 22.68 -13.65 -7.82
CA LYS A 39 22.91 -12.68 -6.76
C LYS A 39 21.90 -11.54 -6.79
N ILE A 40 21.35 -11.19 -7.93
CA ILE A 40 20.25 -10.17 -7.95
C ILE A 40 19.03 -10.76 -7.31
N HIS A 41 18.69 -11.99 -7.64
CA HIS A 41 17.55 -12.64 -6.99
C HIS A 41 17.71 -12.80 -5.49
N GLU A 42 18.92 -13.14 -5.05
CA GLU A 42 19.21 -13.20 -3.63
C GLU A 42 18.90 -11.85 -2.95
N ALA A 43 19.34 -10.76 -3.57
CA ALA A 43 19.13 -9.44 -2.99
C ALA A 43 17.65 -9.06 -3.03
N MET A 44 16.95 -9.39 -4.12
CA MET A 44 15.50 -9.12 -4.21
C MET A 44 14.79 -9.80 -3.08
N ARG A 45 15.11 -11.08 -2.90
CA ARG A 45 14.47 -11.85 -1.86
C ARG A 45 14.81 -11.37 -0.45
N TYR A 46 16.06 -11.00 -0.17
CA TYR A 46 16.38 -10.51 1.16
C TYR A 46 15.47 -9.30 1.51
N SER A 47 15.38 -8.36 0.59
CA SER A 47 14.56 -7.17 0.84
C SER A 47 13.08 -7.47 0.93
N LEU A 48 12.61 -8.40 0.11
CA LEU A 48 11.18 -8.67 0.03
C LEU A 48 10.72 -9.55 1.14
N LEU A 49 11.57 -10.50 1.55
CA LEU A 49 11.14 -11.56 2.45
C LEU A 49 11.56 -11.37 3.91
N ALA A 50 12.44 -10.41 4.24
CA ALA A 50 13.04 -10.41 5.60
C ALA A 50 12.13 -9.84 6.72
N GLY A 51 10.99 -9.30 6.33
CA GLY A 51 10.01 -8.88 7.30
C GLY A 51 8.98 -8.00 6.63
N GLY A 52 7.98 -7.57 7.38
CA GLY A 52 6.98 -6.64 6.85
C GLY A 52 5.66 -6.95 7.52
N LYS A 53 4.87 -5.91 7.76
CA LYS A 53 3.51 -6.11 8.29
C LYS A 53 2.59 -6.54 7.11
N ARG A 54 3.04 -6.29 5.88
CA ARG A 54 2.30 -6.64 4.69
C ARG A 54 0.99 -5.89 4.53
N VAL A 55 0.91 -4.64 4.99
CA VAL A 55 -0.35 -3.88 4.97
C VAL A 55 -0.89 -3.66 3.57
N ARG A 56 0.00 -3.37 2.61
CA ARG A 56 -0.44 -3.06 1.28
C ARG A 56 -1.03 -4.29 0.60
N PRO A 57 -0.30 -5.42 0.59
CA PRO A 57 -0.90 -6.59 -0.02
C PRO A 57 -2.11 -7.13 0.71
N VAL A 58 -2.12 -7.08 2.03
CA VAL A 58 -3.33 -7.48 2.76
C VAL A 58 -4.54 -6.60 2.39
N LEU A 59 -4.33 -5.31 2.27
CA LEU A 59 -5.39 -4.39 1.85
C LEU A 59 -5.90 -4.73 0.42
N CYS A 60 -4.97 -5.07 -0.49
CA CYS A 60 -5.33 -5.52 -1.81
C CYS A 60 -6.24 -6.75 -1.75
N ILE A 61 -5.86 -7.76 -0.96
CA ILE A 61 -6.70 -8.98 -0.82
C ILE A 61 -8.07 -8.65 -0.21
N ALA A 62 -8.07 -7.86 0.85
CA ALA A 62 -9.32 -7.52 1.59
C ALA A 62 -10.29 -6.76 0.68
N ALA A 63 -9.72 -5.92 -0.17
CA ALA A 63 -10.49 -5.12 -1.13
C ALA A 63 -11.11 -5.98 -2.22
N CYS A 64 -10.33 -6.95 -2.69
CA CYS A 64 -10.81 -7.97 -3.62
C CYS A 64 -11.98 -8.77 -3.04
N GLU A 65 -11.81 -9.22 -1.80
CA GLU A 65 -12.83 -9.97 -1.13
C GLU A 65 -14.05 -9.14 -0.88
N LEU A 66 -13.86 -7.86 -0.57
CA LEU A 66 -14.96 -6.96 -0.26
C LEU A 66 -15.93 -6.88 -1.42
N VAL A 67 -15.40 -6.84 -2.65
CA VAL A 67 -16.26 -6.72 -3.83
C VAL A 67 -16.72 -8.09 -4.39
N GLY A 68 -16.37 -9.18 -3.70
CA GLY A 68 -16.90 -10.51 -4.01
C GLY A 68 -15.91 -11.43 -4.70
N GLY A 69 -14.64 -11.02 -4.83
CA GLY A 69 -13.68 -11.89 -5.51
C GLY A 69 -12.90 -12.79 -4.58
N GLU A 70 -12.45 -13.96 -5.07
CA GLU A 70 -11.56 -14.86 -4.31
C GLU A 70 -10.17 -14.26 -4.12
N GLU A 71 -9.54 -14.49 -2.95
CA GLU A 71 -8.19 -13.98 -2.68
C GLU A 71 -7.20 -14.31 -3.78
N SER A 72 -7.31 -15.53 -4.30
CA SER A 72 -6.36 -15.97 -5.30
C SER A 72 -6.33 -15.03 -6.54
N LEU A 73 -7.46 -14.42 -6.89
CA LEU A 73 -7.51 -13.53 -8.05
C LEU A 73 -6.53 -12.35 -7.90
N ALA A 74 -6.47 -11.79 -6.70
CA ALA A 74 -5.69 -10.59 -6.37
C ALA A 74 -4.30 -10.88 -5.85
N MET A 75 -3.93 -12.13 -5.68
CA MET A 75 -2.60 -12.39 -5.08
C MET A 75 -1.45 -11.80 -5.94
N PRO A 76 -1.47 -12.00 -7.27
CA PRO A 76 -0.39 -11.37 -8.05
C PRO A 76 -0.32 -9.87 -7.88
N ALA A 77 -1.44 -9.19 -7.96
CA ALA A 77 -1.51 -7.76 -7.72
C ALA A 77 -1.00 -7.37 -6.34
N ALA A 78 -1.36 -8.19 -5.34
CA ALA A 78 -0.93 -7.92 -3.97
C ALA A 78 0.58 -8.06 -3.82
N CYS A 79 1.12 -9.10 -4.40
CA CYS A 79 2.59 -9.25 -4.47
C CYS A 79 3.26 -8.08 -5.18
N ALA A 80 2.64 -7.63 -6.27
CA ALA A 80 3.21 -6.53 -7.06
C ALA A 80 3.29 -5.24 -6.22
N VAL A 81 2.24 -4.89 -5.47
CA VAL A 81 2.30 -3.68 -4.63
C VAL A 81 3.35 -3.77 -3.55
N GLU A 82 3.56 -4.97 -3.02
CA GLU A 82 4.60 -5.19 -2.01
C GLU A 82 5.99 -5.11 -2.60
N MET A 83 6.15 -5.57 -3.83
CA MET A 83 7.44 -5.44 -4.55
C MET A 83 7.78 -3.95 -4.71
N ILE A 84 6.80 -3.14 -5.08
CA ILE A 84 6.99 -1.72 -5.28
C ILE A 84 7.29 -1.07 -3.95
N HIS A 85 6.54 -1.44 -2.93
CA HIS A 85 6.86 -0.93 -1.58
C HIS A 85 8.32 -1.27 -1.16
N THR A 86 8.74 -2.49 -1.44
CA THR A 86 10.08 -2.93 -1.12
C THR A 86 11.16 -2.13 -1.83
N MET A 87 10.94 -1.91 -3.10
CA MET A 87 11.82 -1.09 -3.87
C MET A 87 11.98 0.27 -3.27
N SER A 88 10.88 0.87 -2.79
CA SER A 88 11.00 2.20 -2.17
C SER A 88 11.77 2.12 -0.85
N LEU A 89 11.67 1.03 -0.10
CA LEU A 89 12.44 0.86 1.13
C LEU A 89 13.95 0.69 0.84
N ILE A 90 14.28 -0.03 -0.23
CA ILE A 90 15.68 -0.24 -0.58
C ILE A 90 16.33 1.13 -0.73
N HIS A 91 15.59 1.98 -1.43
CA HIS A 91 16.05 3.30 -1.80
C HIS A 91 16.06 4.30 -0.62
N ASP A 92 15.15 4.14 0.35
CA ASP A 92 15.22 4.90 1.61
C ASP A 92 16.49 4.58 2.41
N ASP A 93 17.00 3.36 2.26
CA ASP A 93 18.30 2.95 2.82
C ASP A 93 19.41 3.07 1.77
N VAL A 94 24.01 -8.53 3.22
CA VAL A 94 24.83 -9.55 2.55
C VAL A 94 25.52 -9.04 1.27
N TYR A 95 24.91 -8.03 0.63
CA TYR A 95 25.30 -7.56 -0.71
C TYR A 95 25.50 -6.04 -0.73
N GLY A 96 26.15 -5.53 -1.77
CA GLY A 96 26.56 -4.14 -1.83
C GLY A 96 25.44 -3.25 -2.29
N GLU A 97 25.67 -1.93 -2.27
CA GLU A 97 24.69 -0.94 -2.75
C GLU A 97 24.38 -1.14 -4.22
N ASP A 98 25.42 -1.39 -5.00
CA ASP A 98 25.33 -1.79 -6.40
C ASP A 98 24.18 -2.79 -6.62
N VAL A 99 24.33 -3.98 -6.06
CA VAL A 99 23.34 -5.03 -6.18
C VAL A 99 21.99 -4.58 -5.57
N ALA A 100 22.02 -3.86 -4.45
CA ALA A 100 20.77 -3.40 -3.80
C ALA A 100 19.93 -2.53 -4.73
N VAL A 101 20.57 -1.57 -5.40
CA VAL A 101 19.86 -0.70 -6.32
C VAL A 101 19.29 -1.49 -7.51
N LEU A 102 20.09 -2.40 -8.04
CA LEU A 102 19.65 -3.25 -9.11
C LEU A 102 18.50 -4.14 -8.68
N ALA A 103 18.53 -4.62 -7.43
CA ALA A 103 17.44 -5.44 -6.93
C ALA A 103 16.13 -4.66 -6.90
N GLY A 104 16.19 -3.39 -6.47
CA GLY A 104 15.04 -2.48 -6.52
C GLY A 104 14.49 -2.30 -7.92
N ASP A 105 15.38 -2.06 -8.88
CA ASP A 105 14.96 -1.94 -10.31
C ASP A 105 14.27 -3.23 -10.82
N ALA A 106 14.84 -4.36 -10.44
CA ALA A 106 14.24 -5.67 -10.78
C ALA A 106 12.89 -5.94 -10.16
N LEU A 107 12.73 -5.53 -8.91
CA LEU A 107 11.44 -5.61 -8.20
C LEU A 107 10.36 -4.74 -8.88
N LEU A 108 10.71 -3.54 -9.28
CA LEU A 108 9.77 -2.64 -9.98
C LEU A 108 9.32 -3.28 -11.28
N SER A 109 10.29 -3.72 -12.10
CA SER A 109 10.04 -4.50 -13.31
C SER A 109 9.14 -5.69 -13.08
N PHE A 110 9.50 -6.51 -12.10
CA PHE A 110 8.77 -7.71 -11.87
C PHE A 110 7.38 -7.49 -11.33
N ALA A 111 7.15 -6.40 -10.59
CA ALA A 111 5.83 -6.05 -10.12
C ALA A 111 4.87 -6.01 -11.33
N PHE A 112 5.28 -5.30 -12.38
CA PHE A 112 4.49 -5.19 -13.57
C PHE A 112 4.40 -6.51 -14.33
N GLU A 113 5.52 -7.20 -14.46
CA GLU A 113 5.49 -8.46 -15.18
C GLU A 113 4.58 -9.48 -14.49
N HIS A 114 4.68 -9.57 -13.17
CA HIS A 114 3.88 -10.51 -12.39
C HIS A 114 2.38 -10.18 -12.40
N LEU A 115 2.03 -8.90 -12.27
CA LEU A 115 0.63 -8.47 -12.32
C LEU A 115 0.04 -8.86 -13.67
N ALA A 116 0.80 -8.60 -14.72
CA ALA A 116 0.35 -8.85 -16.10
C ALA A 116 0.23 -10.32 -16.45
N SER A 117 1.26 -11.07 -16.10
CA SER A 117 1.41 -12.42 -16.55
C SER A 117 0.82 -13.46 -15.62
N ALA A 118 0.84 -13.22 -14.31
CA ALA A 118 0.37 -14.23 -13.33
C ALA A 118 -1.09 -14.08 -12.93
N THR A 119 -1.68 -12.92 -13.15
CA THR A 119 -3.09 -12.78 -12.86
C THR A 119 -3.92 -13.80 -13.67
N SER A 120 -4.88 -14.41 -12.98
CA SER A 120 -5.67 -15.49 -13.52
C SER A 120 -6.41 -15.10 -14.78
N SER A 121 -6.57 -16.06 -15.68
CA SER A 121 -7.32 -15.83 -16.91
C SER A 121 -8.82 -15.66 -16.63
N GLU A 122 -9.23 -15.92 -15.39
CA GLU A 122 -10.62 -15.65 -14.98
C GLU A 122 -10.92 -14.16 -14.93
N VAL A 123 -9.89 -13.34 -14.74
CA VAL A 123 -10.07 -11.92 -14.61
C VAL A 123 -10.13 -11.34 -16.01
N SER A 124 -11.06 -10.45 -16.27
CA SER A 124 -11.11 -9.86 -17.58
C SER A 124 -9.83 -9.07 -17.92
N PRO A 125 -9.26 -9.36 -19.08
CA PRO A 125 -8.04 -8.65 -19.44
C PRO A 125 -8.12 -7.15 -19.31
N ALA A 126 -9.29 -6.55 -19.59
CA ALA A 126 -9.50 -5.11 -19.42
C ALA A 126 -9.24 -4.65 -17.99
N ARG A 127 -9.64 -5.45 -17.02
CA ARG A 127 -9.37 -5.12 -15.60
C ARG A 127 -7.91 -5.21 -15.32
N VAL A 128 -7.23 -6.19 -15.91
CA VAL A 128 -5.74 -6.26 -15.73
C VAL A 128 -5.06 -5.02 -16.32
N VAL A 129 -5.48 -4.59 -17.50
CA VAL A 129 -4.89 -3.39 -18.08
C VAL A 129 -5.12 -2.19 -17.17
N ARG A 130 -6.35 -2.04 -16.68
CA ARG A 130 -6.68 -0.94 -15.75
C ARG A 130 -5.84 -1.00 -14.50
N ALA A 131 -5.69 -2.19 -13.92
CA ALA A 131 -4.75 -2.39 -12.80
C ALA A 131 -3.31 -1.94 -13.07
N VAL A 132 -2.77 -2.28 -14.23
CA VAL A 132 -1.44 -1.79 -14.64
C VAL A 132 -1.36 -0.28 -14.62
N GLY A 133 -2.31 0.38 -15.25
CA GLY A 133 -2.33 1.83 -15.26
C GLY A 133 -2.37 2.42 -13.88
N GLU A 134 -3.20 1.86 -12.99
CA GLU A 134 -3.25 2.30 -11.56
C GLU A 134 -1.97 2.06 -10.79
N LEU A 135 -1.32 0.93 -11.02
CA LEU A 135 -0.07 0.70 -10.35
C LEU A 135 1.00 1.72 -10.81
N ALA A 136 1.08 1.91 -12.12
CA ALA A 136 1.99 2.90 -12.70
C ALA A 136 1.72 4.34 -12.21
N LYS A 137 0.45 4.77 -12.19
CA LYS A 137 0.04 6.06 -11.63
C LYS A 137 0.60 6.28 -10.22
N ALA A 138 0.58 5.24 -9.41
CA ALA A 138 0.95 5.36 -8.00
C ALA A 138 2.44 5.62 -7.85
N ILE A 139 3.22 5.18 -8.80
CA ILE A 139 4.67 5.38 -8.68
C ILE A 139 5.27 6.60 -9.38
N GLY A 140 4.52 7.26 -10.25
CA GLY A 140 5.04 8.37 -10.97
C GLY A 140 4.68 9.76 -10.42
N THR A 141 4.48 10.71 -11.32
CA THR A 141 4.33 12.13 -10.92
C THR A 141 2.99 12.36 -10.20
N GLU A 142 2.10 11.38 -10.20
CA GLU A 142 0.97 11.41 -9.28
C GLU A 142 1.14 10.54 -8.06
N GLY A 143 2.35 10.15 -7.71
CA GLY A 143 2.52 9.25 -6.57
C GLY A 143 3.92 9.40 -6.05
N LEU A 144 4.66 8.31 -5.90
CA LEU A 144 6.00 8.33 -5.26
C LEU A 144 6.91 9.45 -5.70
N VAL A 145 6.99 9.69 -7.02
CA VAL A 145 7.93 10.69 -7.53
C VAL A 145 7.62 12.10 -7.09
N ALA A 146 6.35 12.52 -7.19
CA ALA A 146 5.91 13.83 -6.77
C ALA A 146 6.17 14.04 -5.31
N GLY A 147 5.90 13.02 -4.53
CA GLY A 147 6.15 13.07 -3.10
C GLY A 147 7.59 13.34 -2.80
N GLN A 148 8.47 12.65 -3.52
CA GLN A 148 9.92 12.84 -3.38
C GLN A 148 10.42 14.20 -3.83
N VAL A 149 9.86 14.76 -4.90
CA VAL A 149 10.29 16.08 -5.39
C VAL A 149 9.97 17.18 -4.40
N VAL A 150 8.83 17.03 -3.74
CA VAL A 150 8.37 18.06 -2.81
C VAL A 150 9.04 17.87 -1.45
N ASP A 151 9.30 16.61 -1.08
CA ASP A 151 9.89 16.34 0.24
C ASP A 151 11.32 16.90 0.26
N ILE A 152 12.15 16.53 -0.71
CA ILE A 152 13.49 17.09 -0.79
C ILE A 152 13.47 18.64 -0.70
N SER A 153 12.64 19.26 -1.54
CA SER A 153 12.49 20.74 -1.62
C SER A 153 12.56 21.45 -0.26
N ASN A 154 4.47 29.61 6.35
CA ASN A 154 4.54 29.50 4.88
C ASN A 154 4.15 28.15 4.29
N VAL A 155 2.93 28.00 3.78
CA VAL A 155 2.52 26.82 2.95
C VAL A 155 2.89 25.41 3.52
N GLY A 156 3.15 25.35 4.82
CA GLY A 156 3.68 24.17 5.49
C GLY A 156 2.72 22.98 5.56
N LEU A 157 1.51 23.21 6.06
CA LEU A 157 0.55 22.11 6.25
C LEU A 157 0.11 21.51 4.92
N GLU A 158 -0.06 22.34 3.90
CA GLU A 158 -0.36 21.81 2.56
C GLU A 158 0.81 21.00 2.02
N HIS A 159 2.04 21.46 2.27
CA HIS A 159 3.23 20.73 1.83
C HIS A 159 3.32 19.36 2.51
N LEU A 160 3.05 19.33 3.81
CA LEU A 160 3.12 18.13 4.57
C LEU A 160 2.10 17.13 4.09
N LYS A 161 0.87 17.61 3.89
CA LYS A 161 -0.18 16.72 3.51
C LYS A 161 0.13 16.17 2.09
N PHE A 162 0.62 17.03 1.19
CA PHE A 162 1.01 16.64 -0.13
C PHE A 162 2.04 15.52 -0.12
N ILE A 163 3.09 15.67 0.67
CA ILE A 163 4.16 14.69 0.76
C ILE A 163 3.63 13.32 1.25
N HIS A 164 2.83 13.30 2.32
CA HIS A 164 2.28 12.05 2.82
C HIS A 164 1.25 11.43 1.89
N LEU A 165 0.43 12.25 1.23
CA LEU A 165 -0.50 11.73 0.25
C LEU A 165 0.25 11.01 -0.88
N HIS A 166 1.39 11.55 -1.26
CA HIS A 166 2.11 10.98 -2.40
C HIS A 166 3.12 9.89 -2.00
N LYS A 167 3.81 10.08 -0.87
CA LYS A 167 4.83 9.13 -0.42
C LYS A 167 4.21 7.97 0.33
N THR A 168 3.00 8.14 0.85
CA THR A 168 2.30 7.03 1.55
C THR A 168 0.93 6.63 0.97
N ALA A 169 0.03 7.58 0.79
CA ALA A 169 -1.34 7.26 0.43
C ALA A 169 -1.44 6.72 -1.02
N ALA A 170 -0.67 7.25 -1.96
CA ALA A 170 -0.86 6.85 -3.34
C ALA A 170 -0.70 5.32 -3.58
N LEU A 171 0.25 4.69 -2.90
CA LEU A 171 0.50 3.25 -3.10
C LEU A 171 -0.49 2.40 -2.29
N LEU A 172 -0.90 2.91 -1.15
CA LEU A 172 -2.04 2.29 -0.47
C LEU A 172 -3.34 2.39 -1.28
N GLU A 173 -3.62 3.53 -1.85
CA GLU A 173 -4.74 3.67 -2.79
C GLU A 173 -4.64 2.67 -3.94
N ALA A 174 -3.48 2.58 -4.59
CA ALA A 174 -3.24 1.59 -5.64
C ALA A 174 -3.55 0.18 -5.12
N SER A 175 -3.14 -0.09 -3.92
CA SER A 175 -3.37 -1.43 -3.36
C SER A 175 -4.84 -1.76 -3.30
N ALA A 176 -5.63 -0.88 -2.69
CA ALA A 176 -7.06 -1.08 -2.57
C ALA A 176 -7.79 -1.07 -3.90
N VAL A 177 -7.44 -0.14 -4.78
CA VAL A 177 -8.03 -0.05 -6.10
C VAL A 177 -7.73 -1.28 -6.96
N LEU A 178 -6.49 -1.75 -6.95
CA LEU A 178 -6.13 -3.01 -7.61
C LEU A 178 -6.98 -4.17 -7.14
N GLY A 179 -7.16 -4.29 -5.84
CA GLY A 179 -7.98 -5.41 -5.34
C GLY A 179 -9.41 -5.30 -5.80
N GLY A 180 -9.92 -4.09 -5.79
CA GLY A 180 -11.29 -3.80 -6.22
C GLY A 180 -11.47 -4.08 -7.68
N ILE A 181 -10.50 -3.64 -8.50
CA ILE A 181 -10.53 -3.92 -9.93
C ILE A 181 -10.45 -5.41 -10.23
N ILE A 182 -9.45 -6.07 -9.67
CA ILE A 182 -9.17 -7.44 -10.00
C ILE A 182 -10.27 -8.37 -9.44
N GLY A 183 -10.79 -8.06 -8.26
CA GLY A 183 -11.93 -8.80 -7.70
C GLY A 183 -13.26 -8.60 -8.40
N GLY A 184 -13.34 -7.74 -9.42
CA GLY A 184 -14.59 -7.57 -10.17
C GLY A 184 -15.51 -6.47 -9.70
N GLY A 185 -14.97 -5.48 -8.99
CA GLY A 185 -15.77 -4.44 -8.38
C GLY A 185 -16.27 -3.43 -9.39
N SER A 186 -17.35 -2.74 -9.05
CA SER A 186 -17.86 -1.65 -9.92
C SER A 186 -16.98 -0.43 -9.77
N ASP A 187 -17.10 0.52 -10.70
CA ASP A 187 -16.36 1.80 -10.65
C ASP A 187 -16.65 2.57 -9.35
N GLU A 188 -17.90 2.52 -8.88
CA GLU A 188 -18.28 3.15 -7.59
C GLU A 188 -17.59 2.49 -6.41
N GLU A 189 -17.57 1.17 -6.39
CA GLU A 189 -16.88 0.44 -5.34
C GLU A 189 -15.41 0.81 -5.29
N ILE A 190 -14.80 0.81 -6.48
CA ILE A 190 -13.38 1.11 -6.65
C ILE A 190 -13.06 2.52 -6.11
N GLU A 191 -13.92 3.50 -6.35
CA GLU A 191 -13.67 4.85 -5.80
C GLU A 191 -13.83 4.93 -4.29
N ARG A 192 -14.79 4.21 -3.71
CA ARG A 192 -14.89 4.09 -2.25
C ARG A 192 -13.60 3.49 -1.69
N LEU A 193 -13.11 2.44 -2.31
CA LEU A 193 -11.85 1.82 -1.86
C LEU A 193 -10.65 2.78 -1.96
N ARG A 194 -10.56 3.56 -3.04
CA ARG A 194 -9.47 4.53 -3.19
C ARG A 194 -9.53 5.54 -2.03
N LYS A 195 -10.72 6.03 -1.71
CA LYS A 195 -10.86 7.04 -0.67
C LYS A 195 -10.65 6.45 0.73
N PHE A 196 -11.16 5.23 0.97
CA PHE A 196 -10.86 4.52 2.20
C PHE A 196 -9.32 4.46 2.42
N ALA A 197 -8.59 4.04 1.38
CA ALA A 197 -7.13 3.91 1.43
C ALA A 197 -6.40 5.23 1.66
N ARG A 198 -6.84 6.30 1.03
CA ARG A 198 -6.24 7.61 1.21
C ARG A 198 -6.31 8.02 2.68
N CYS A 199 -7.49 7.82 3.27
CA CYS A 199 -7.74 8.22 4.66
C CYS A 199 -6.85 7.41 5.58
N ILE A 200 -6.77 6.07 5.40
CA ILE A 200 -5.93 5.26 6.30
C ILE A 200 -4.43 5.53 6.09
N GLY A 201 -4.02 5.88 4.87
CA GLY A 201 -2.62 6.22 4.61
C GLY A 201 -2.20 7.53 5.26
N LEU A 202 -3.03 8.54 5.15
CA LEU A 202 -2.81 9.74 5.96
C LEU A 202 -2.88 9.50 7.47
N LEU A 203 -3.88 8.73 7.89
CA LEU A 203 -4.00 8.37 9.30
C LEU A 203 -2.72 7.73 9.86
N PHE A 204 -2.13 6.80 9.11
CA PHE A 204 -0.88 6.18 9.54
C PHE A 204 0.16 7.26 9.90
N GLN A 205 0.33 8.25 9.02
CA GLN A 205 1.35 9.27 9.19
C GLN A 205 1.02 10.26 10.32
N VAL A 206 -0.26 10.57 10.50
CA VAL A 206 -0.65 11.49 11.58
C VAL A 206 -0.38 10.81 12.93
N VAL A 207 -0.85 9.57 13.06
CA VAL A 207 -0.64 8.79 14.27
C VAL A 207 0.85 8.66 14.58
N ASP A 208 1.66 8.36 13.56
CA ASP A 208 3.12 8.23 13.77
C ASP A 208 3.71 9.53 14.31
N ASP A 209 3.23 10.68 13.84
CA ASP A 209 3.67 12.00 14.38
C ASP A 209 3.21 12.22 15.81
N ILE A 210 1.97 11.81 16.09
CA ILE A 210 1.43 11.87 17.44
C ILE A 210 2.22 10.98 18.40
N LEU A 211 2.51 9.75 17.98
CA LEU A 211 3.27 8.83 18.83
C LEU A 211 4.71 9.33 19.08
N ASP A 212 5.37 9.91 18.09
CA ASP A 212 6.74 10.39 18.28
C ASP A 212 6.93 11.43 19.39
N VAL A 213 5.90 12.20 19.73
CA VAL A 213 6.03 13.17 20.82
C VAL A 213 5.96 12.50 22.21
N THR A 214 5.22 11.39 22.29
CA THR A 214 5.09 10.59 23.52
C THR A 214 5.85 9.27 23.36
N ILE A 215 12.22 16.70 6.33
CA ILE A 215 11.28 17.77 6.00
C ILE A 215 9.84 17.42 6.33
N ALA A 216 9.36 16.28 5.83
CA ALA A 216 8.19 15.61 6.42
C ALA A 216 8.60 15.01 7.78
N ASP A 217 9.91 14.94 8.02
CA ASP A 217 10.46 14.63 9.33
C ASP A 217 10.56 15.89 10.18
N LYS A 218 11.12 16.96 9.62
CA LYS A 218 11.26 18.23 10.34
C LYS A 218 9.89 18.93 10.59
N LEU A 219 8.97 18.82 9.63
CA LEU A 219 7.57 19.25 9.82
C LEU A 219 6.68 18.08 10.22
N THR A 220 5.82 18.31 11.19
CA THR A 220 4.97 17.26 11.72
C THR A 220 3.57 17.80 11.97
N TYR A 221 2.58 16.92 12.11
CA TYR A 221 1.25 17.38 12.38
C TYR A 221 1.14 18.15 13.73
N PRO A 222 1.71 17.61 14.83
CA PRO A 222 1.80 18.39 16.10
C PRO A 222 2.50 19.74 16.00
N LYS A 223 3.56 19.87 15.21
CA LYS A 223 4.19 21.19 15.10
C LYS A 223 3.28 22.14 14.32
N LEU A 224 2.64 21.67 13.23
CA LEU A 224 1.85 22.59 12.38
C LEU A 224 0.38 22.81 12.77
N MET A 225 -0.31 21.75 13.16
CA MET A 225 -1.58 21.85 13.89
C MET A 225 -1.04 21.78 15.29
N GLY A 226 -1.89 21.67 16.28
CA GLY A 226 -1.34 21.32 17.60
C GLY A 226 -1.39 19.82 17.80
N LEU A 227 -0.84 19.36 18.93
CA LEU A 227 -0.99 17.96 19.33
C LEU A 227 -2.46 17.52 19.41
N GLU A 228 -3.27 18.28 20.15
CA GLU A 228 -4.65 17.88 20.40
C GLU A 228 -5.52 18.09 19.16
N LYS A 229 -5.28 19.14 18.39
CA LYS A 229 -5.89 19.22 17.05
C LYS A 229 -5.43 18.06 16.11
N SER A 230 -4.16 17.66 16.20
CA SER A 230 -3.65 16.49 15.45
C SER A 230 -4.44 15.20 15.75
N ARG A 231 -4.71 14.97 17.03
CA ARG A 231 -5.56 13.87 17.47
C ARG A 231 -6.98 13.97 16.90
N GLU A 232 -7.55 15.19 16.89
CA GLU A 232 -8.88 15.38 16.29
C GLU A 232 -8.92 15.01 14.82
N PHE A 233 -7.85 15.37 14.13
CA PHE A 233 -7.69 15.06 12.71
C PHE A 233 -7.54 13.57 12.45
N ALA A 234 -6.74 12.88 13.25
CA ALA A 234 -6.68 11.41 13.23
C ALA A 234 -8.08 10.82 13.39
N GLU A 235 -8.86 11.35 14.34
CA GLU A 235 -10.22 10.83 14.57
C GLU A 235 -11.11 11.05 13.34
N LYS A 236 -11.01 12.22 12.73
CA LYS A 236 -11.73 12.57 11.51
C LYS A 236 -11.36 11.61 10.38
N LEU A 237 -10.07 11.36 10.21
CA LEU A 237 -9.61 10.46 9.16
C LEU A 237 -10.13 9.04 9.34
N ASN A 238 -10.13 8.54 10.58
CA ASN A 238 -10.65 7.20 10.90
C ASN A 238 -12.15 7.08 10.61
N THR A 239 -12.90 8.11 11.00
CA THR A 239 -14.32 8.13 10.74
C THR A 239 -14.61 8.22 9.23
N GLU A 240 -13.92 9.10 8.52
CA GLU A 240 -14.09 9.19 7.06
C GLU A 240 -13.77 7.87 6.38
N ALA A 241 -12.69 7.21 6.79
CA ALA A 241 -12.34 5.92 6.23
C ALA A 241 -13.55 5.01 6.35
N ARG A 242 -14.06 4.89 7.55
CA ARG A 242 -15.12 3.93 7.81
C ARG A 242 -16.39 4.29 7.04
N ASP A 243 -16.66 5.59 6.90
CA ASP A 243 -17.80 6.06 6.11
C ASP A 243 -17.74 5.62 4.63
N GLN A 244 -16.53 5.40 4.10
CA GLN A 244 -16.39 4.93 2.72
C GLN A 244 -16.90 3.54 2.52
N LEU A 245 -16.99 2.75 3.58
CA LEU A 245 -17.45 1.39 3.45
C LEU A 245 -18.95 1.26 3.70
N LEU A 246 -19.64 2.38 3.90
CA LEU A 246 -21.10 2.36 4.00
C LEU A 246 -21.72 1.79 2.73
N GLY A 247 -22.65 0.88 2.87
CA GLY A 247 -23.32 0.28 1.74
C GLY A 247 -22.74 -1.03 1.28
N PHE A 248 -21.52 -1.39 1.71
CA PHE A 248 -21.00 -2.73 1.43
C PHE A 248 -21.60 -3.76 2.43
N ASP A 249 -21.55 -5.04 2.06
CA ASP A 249 -21.93 -6.17 2.96
C ASP A 249 -21.23 -6.14 4.32
N SER A 250 -21.99 -6.29 5.41
CA SER A 250 -21.44 -6.11 6.75
C SER A 250 -20.29 -7.07 7.11
N ASP A 251 -20.40 -8.32 6.68
CA ASP A 251 -19.35 -9.34 6.93
C ASP A 251 -18.08 -9.03 6.19
N LYS A 252 -18.26 -8.52 4.97
CA LYS A 252 -17.12 -8.26 4.10
C LYS A 252 -16.29 -7.06 4.54
N VAL A 253 -16.96 -6.11 5.21
CA VAL A 253 -16.32 -4.88 5.71
C VAL A 253 -15.46 -5.07 6.97
N ALA A 254 -15.74 -6.09 7.79
CA ALA A 254 -15.05 -6.26 9.08
C ALA A 254 -13.52 -6.22 8.95
N PRO A 255 -12.93 -6.98 8.01
CA PRO A 255 -11.47 -6.98 7.88
C PRO A 255 -10.87 -5.60 7.68
N LEU A 256 -11.49 -4.82 6.80
CA LEU A 256 -11.05 -3.47 6.52
C LEU A 256 -11.23 -2.56 7.71
N LEU A 257 -12.29 -2.77 8.49
CA LEU A 257 -12.44 -2.02 9.73
C LEU A 257 -11.30 -2.37 10.67
N ALA A 258 -11.04 -3.68 10.80
CA ALA A 258 -9.93 -4.14 11.65
C ALA A 258 -8.61 -3.50 11.24
N LEU A 259 -8.40 -3.29 9.94
CA LEU A 259 -7.16 -2.70 9.45
C LEU A 259 -7.08 -1.25 9.86
N ALA A 260 -8.21 -0.54 9.74
CA ALA A 260 -8.28 0.87 10.06
C ALA A 260 -8.14 1.08 11.58
N ASN A 261 -8.66 0.11 12.35
CA ASN A 261 -8.46 0.09 13.80
C ASN A 261 -7.01 -0.09 14.20
N TYR A 262 -6.36 -1.07 13.58
CA TYR A 262 -4.95 -1.34 13.86
C TYR A 262 -4.13 -0.07 13.69
N ILE A 263 -4.38 0.61 12.58
CA ILE A 263 -3.64 1.81 12.24
C ILE A 263 -3.90 2.96 13.23
N ALA A 264 -5.17 3.20 13.55
CA ALA A 264 -5.57 4.33 14.39
C ALA A 264 -5.17 4.19 15.86
N ASN A 265 -5.02 2.95 16.33
CA ASN A 265 -4.74 2.64 17.76
C ASN A 265 -3.24 2.43 18.02
N ARG A 266 -2.77 2.68 19.24
CA ARG A 266 -1.33 2.44 19.61
C ARG A 266 -0.90 2.83 21.05
N GLN A 267 0.37 2.59 21.37
CA GLN A 267 1.00 3.12 22.56
C GLN A 267 1.77 4.39 22.23
#